data_2YON
#
_entry.id   2YON
#
_cell.length_a   1.000
_cell.length_b   1.000
_cell.length_c   1.000
_cell.angle_alpha   90.00
_cell.angle_beta   90.00
_cell.angle_gamma   90.00
#
_symmetry.space_group_name_H-M   'P 1'
#
_entity_poly.entity_id   1
_entity_poly.type   'polypeptide(L)'
_entity_poly.pdbx_seq_one_letter_code
;(ACE)TAQVFAEERVRELEAEVAELRRQQGQAKH
;
_entity_poly.pdbx_strand_id   A
#
loop_
_chem_comp.id
_chem_comp.type
_chem_comp.name
_chem_comp.formula
ACE non-polymer 'ACETYL GROUP' 'C2 H4 O'
#
# COMPACT_ATOMS: atom_id res chain seq x y z
C ACE A 1 -0.44 21.86 6.33
O ACE A 1 0.02 22.34 7.37
CH3 ACE A 1 -0.03 22.42 4.98
H1 ACE A 1 0.56 23.30 5.12
H2 ACE A 1 -0.92 22.65 4.41
H3 ACE A 1 0.55 21.67 4.45
N THR A 2 -1.29 20.86 6.32
CA THR A 2 -1.75 20.23 7.54
C THR A 2 -1.14 18.84 7.66
N ALA A 3 -1.27 18.20 8.80
CA ALA A 3 -0.69 16.88 9.01
C ALA A 3 -1.25 15.87 8.01
N GLN A 4 -2.53 16.00 7.70
CA GLN A 4 -3.21 15.05 6.84
C GLN A 4 -3.02 15.37 5.35
N VAL A 5 -2.25 16.40 5.05
CA VAL A 5 -2.05 16.77 3.65
C VAL A 5 -1.00 15.86 3.04
N PHE A 6 0.06 15.60 3.78
CA PHE A 6 1.12 14.75 3.31
C PHE A 6 0.86 13.31 3.71
N ALA A 7 -0.09 13.11 4.61
CA ALA A 7 -0.58 11.78 4.91
C ALA A 7 -1.33 11.26 3.71
N GLU A 8 -2.00 12.18 3.03
CA GLU A 8 -2.71 11.86 1.80
C GLU A 8 -1.72 11.54 0.69
N GLU A 9 -0.51 12.04 0.82
CA GLU A 9 0.56 11.74 -0.12
C GLU A 9 1.24 10.45 0.31
N ARG A 10 1.11 10.17 1.60
CA ARG A 10 1.71 9.00 2.22
C ARG A 10 0.85 7.77 1.93
N VAL A 11 -0.43 7.86 2.28
CA VAL A 11 -1.37 6.75 2.15
C VAL A 11 -1.32 6.12 0.76
N ARG A 12 -1.34 6.96 -0.27
CA ARG A 12 -1.34 6.50 -1.66
C ARG A 12 -0.11 5.65 -1.97
N GLU A 13 0.98 5.91 -1.26
CA GLU A 13 2.22 5.17 -1.46
C GLU A 13 2.20 3.91 -0.61
N LEU A 14 1.75 4.10 0.62
CA LEU A 14 1.58 3.01 1.57
C LEU A 14 0.69 1.93 0.97
N GLU A 15 -0.40 2.36 0.33
CA GLU A 15 -1.32 1.47 -0.35
C GLU A 15 -0.60 0.55 -1.31
N ALA A 16 0.30 1.14 -2.06
CA ALA A 16 1.07 0.39 -3.06
C ALA A 16 1.97 -0.63 -2.37
N GLU A 17 2.55 -0.23 -1.25
CA GLU A 17 3.45 -1.07 -0.47
C GLU A 17 2.75 -2.32 0.06
N VAL A 18 1.52 -2.13 0.48
CA VAL A 18 0.73 -3.23 1.03
C VAL A 18 0.06 -4.04 -0.08
N ALA A 19 -0.43 -3.36 -1.10
CA ALA A 19 -1.11 -4.03 -2.21
C ALA A 19 -0.16 -4.96 -2.98
N GLU A 20 1.14 -4.68 -2.96
CA GLU A 20 2.10 -5.52 -3.66
C GLU A 20 2.39 -6.73 -2.79
N LEU A 21 2.09 -6.57 -1.52
CA LEU A 21 2.33 -7.59 -0.54
C LEU A 21 1.24 -8.64 -0.61
N ARG A 22 0.03 -8.23 -1.00
CA ARG A 22 -1.08 -9.16 -1.17
C ARG A 22 -0.74 -10.15 -2.27
N ARG A 23 0.01 -9.63 -3.24
CA ARG A 23 0.49 -10.42 -4.36
C ARG A 23 1.36 -11.57 -3.86
N GLN A 24 2.22 -11.25 -2.90
CA GLN A 24 3.12 -12.23 -2.31
C GLN A 24 2.37 -13.18 -1.40
N GLN A 25 1.18 -12.77 -1.00
CA GLN A 25 0.31 -13.59 -0.18
C GLN A 25 -0.47 -14.57 -1.07
N GLY A 26 -0.34 -14.40 -2.38
CA GLY A 26 -1.01 -15.27 -3.32
C GLY A 26 -2.41 -14.81 -3.62
N GLN A 27 -3.38 -15.60 -3.19
CA GLN A 27 -4.79 -15.29 -3.42
C GLN A 27 -5.36 -14.57 -2.19
N ALA A 28 -4.87 -13.37 -1.94
CA ALA A 28 -5.24 -12.62 -0.75
C ALA A 28 -6.43 -11.69 -1.01
N LYS A 29 -6.95 -11.71 -2.22
CA LYS A 29 -8.09 -10.88 -2.55
C LYS A 29 -9.26 -11.73 -3.01
N HIS A 30 -10.35 -11.70 -2.27
CA HIS A 30 -11.54 -12.46 -2.62
C HIS A 30 -12.68 -11.52 -3.01
C ACE A 1 -0.38 22.39 5.81
O ACE A 1 -0.67 23.24 6.68
CH3 ACE A 1 0.38 22.77 4.58
H1 ACE A 1 1.17 23.47 4.85
H2 ACE A 1 -0.29 23.24 3.87
H3 ACE A 1 0.83 21.89 4.15
N THR A 2 -0.71 21.12 5.93
CA THR A 2 -1.44 20.60 7.08
C THR A 2 -1.12 19.12 7.25
N ALA A 3 -1.37 18.56 8.42
CA ALA A 3 -1.01 17.17 8.71
C ALA A 3 -1.55 16.22 7.64
N GLN A 4 -2.83 16.36 7.33
CA GLN A 4 -3.47 15.47 6.38
C GLN A 4 -3.26 15.89 4.93
N VAL A 5 -2.25 16.70 4.67
CA VAL A 5 -1.92 17.02 3.28
C VAL A 5 -0.89 16.03 2.74
N PHE A 6 0.11 15.74 3.57
CA PHE A 6 1.21 14.87 3.17
C PHE A 6 0.92 13.42 3.53
N ALA A 7 0.13 13.22 4.59
CA ALA A 7 -0.27 11.88 4.98
C ALA A 7 -1.11 11.25 3.89
N GLU A 8 -1.97 12.06 3.31
CA GLU A 8 -2.84 11.64 2.24
C GLU A 8 -2.05 11.33 0.97
N GLU A 9 -0.82 11.80 0.92
CA GLU A 9 0.09 11.45 -0.14
C GLU A 9 0.81 10.17 0.27
N ARG A 10 1.20 10.15 1.53
CA ARG A 10 1.91 9.03 2.13
C ARG A 10 1.10 7.74 2.01
N VAL A 11 -0.15 7.81 2.47
CA VAL A 11 -1.02 6.64 2.54
C VAL A 11 -1.12 5.94 1.18
N ARG A 12 -1.28 6.71 0.11
CA ARG A 12 -1.38 6.16 -1.24
C ARG A 12 -0.12 5.37 -1.63
N GLU A 13 1.02 5.75 -1.05
CA GLU A 13 2.27 5.05 -1.30
C GLU A 13 2.29 3.77 -0.49
N LEU A 14 1.89 3.90 0.77
CA LEU A 14 1.71 2.77 1.66
C LEU A 14 0.74 1.77 1.03
N GLU A 15 -0.35 2.30 0.48
CA GLU A 15 -1.36 1.49 -0.21
C GLU A 15 -0.73 0.62 -1.29
N ALA A 16 0.31 1.14 -1.92
CA ALA A 16 1.04 0.39 -2.92
C ALA A 16 1.92 -0.66 -2.26
N GLU A 17 2.55 -0.27 -1.15
CA GLU A 17 3.44 -1.14 -0.40
C GLU A 17 2.72 -2.39 0.10
N VAL A 18 1.48 -2.21 0.54
CA VAL A 18 0.69 -3.32 1.06
C VAL A 18 0.07 -4.10 -0.09
N ALA A 19 -0.47 -3.41 -1.08
CA ALA A 19 -1.12 -4.06 -2.20
C ALA A 19 -0.16 -4.94 -3.01
N GLU A 20 1.13 -4.61 -2.99
CA GLU A 20 2.12 -5.40 -3.73
C GLU A 20 2.47 -6.62 -2.91
N LEU A 21 2.21 -6.50 -1.63
CA LEU A 21 2.49 -7.54 -0.68
C LEU A 21 1.41 -8.62 -0.78
N ARG A 22 0.19 -8.20 -1.13
CA ARG A 22 -0.91 -9.14 -1.30
C ARG A 22 -0.60 -10.07 -2.44
N ARG A 23 0.10 -9.53 -3.41
CA ARG A 23 0.53 -10.28 -4.58
C ARG A 23 1.38 -11.48 -4.16
N GLN A 24 2.16 -11.27 -3.11
CA GLN A 24 3.01 -12.31 -2.56
C GLN A 24 2.20 -13.25 -1.67
N GLN A 25 1.18 -12.69 -1.03
CA GLN A 25 0.28 -13.48 -0.19
C GLN A 25 -0.59 -14.41 -1.03
N GLY A 26 -0.83 -14.00 -2.28
CA GLY A 26 -1.56 -14.84 -3.20
C GLY A 26 -0.73 -16.03 -3.65
N GLN A 27 0.57 -15.94 -3.39
CA GLN A 27 1.48 -17.02 -3.71
C GLN A 27 1.81 -17.80 -2.44
N ALA A 28 0.85 -17.83 -1.52
CA ALA A 28 1.03 -18.50 -0.23
C ALA A 28 1.37 -19.97 -0.43
N LYS A 29 2.60 -20.34 -0.11
CA LYS A 29 3.05 -21.70 -0.23
C LYS A 29 2.42 -22.56 0.86
N HIS A 30 1.69 -23.57 0.43
CA HIS A 30 1.00 -24.46 1.36
C HIS A 30 1.85 -25.68 1.63
C ACE A 1 -2.49 22.12 5.05
O ACE A 1 -3.15 22.92 5.73
CH3 ACE A 1 -2.03 22.48 3.66
H1 ACE A 1 -1.24 21.80 3.36
H2 ACE A 1 -1.65 23.49 3.66
H3 ACE A 1 -2.86 22.40 2.98
N THR A 2 -2.14 20.92 5.48
CA THR A 2 -2.50 20.43 6.80
C THR A 2 -1.83 19.08 7.01
N ALA A 3 -1.83 18.59 8.24
CA ALA A 3 -1.18 17.32 8.55
C ALA A 3 -1.69 16.21 7.63
N GLN A 4 -3.00 16.13 7.47
CA GLN A 4 -3.61 15.08 6.69
C GLN A 4 -3.67 15.42 5.20
N VAL A 5 -2.86 16.36 4.75
CA VAL A 5 -2.76 16.62 3.31
C VAL A 5 -1.65 15.78 2.70
N PHE A 6 -0.50 15.76 3.37
CA PHE A 6 0.66 15.05 2.87
C PHE A 6 0.68 13.61 3.38
N ALA A 7 -0.07 13.36 4.46
CA ALA A 7 -0.29 12.00 4.90
C ALA A 7 -1.09 11.26 3.86
N GLU A 8 -2.00 11.98 3.23
CA GLU A 8 -2.80 11.44 2.16
C GLU A 8 -1.98 11.25 0.89
N GLU A 9 -0.78 11.81 0.90
CA GLU A 9 0.21 11.54 -0.12
C GLU A 9 1.02 10.31 0.27
N ARG A 10 1.35 10.27 1.55
CA ARG A 10 2.11 9.18 2.16
C ARG A 10 1.33 7.87 2.02
N VAL A 11 0.11 7.86 2.54
CA VAL A 11 -0.70 6.66 2.61
C VAL A 11 -0.79 5.92 1.28
N ARG A 12 -0.98 6.66 0.20
CA ARG A 12 -1.12 6.07 -1.14
C ARG A 12 0.13 5.30 -1.54
N GLU A 13 1.28 5.73 -1.03
CA GLU A 13 2.54 5.05 -1.32
C GLU A 13 2.60 3.78 -0.49
N LEU A 14 2.22 3.92 0.77
CA LEU A 14 2.05 2.79 1.67
C LEU A 14 1.06 1.81 1.08
N GLU A 15 -0.02 2.33 0.51
CA GLU A 15 -1.04 1.52 -0.14
C GLU A 15 -0.44 0.66 -1.23
N ALA A 16 0.55 1.20 -1.92
CA ALA A 16 1.26 0.46 -2.94
C ALA A 16 2.14 -0.61 -2.30
N GLU A 17 2.80 -0.23 -1.20
CA GLU A 17 3.67 -1.14 -0.45
C GLU A 17 2.92 -2.39 0.00
N VAL A 18 1.70 -2.19 0.47
CA VAL A 18 0.88 -3.29 0.97
C VAL A 18 0.17 -4.04 -0.15
N ALA A 19 -0.36 -3.31 -1.11
CA ALA A 19 -1.10 -3.91 -2.22
C ALA A 19 -0.21 -4.83 -3.08
N GLU A 20 1.09 -4.57 -3.08
CA GLU A 20 2.02 -5.38 -3.87
C GLU A 20 2.36 -6.63 -3.08
N LEU A 21 2.08 -6.54 -1.79
CA LEU A 21 2.37 -7.59 -0.86
C LEU A 21 1.26 -8.62 -0.89
N ARG A 22 0.03 -8.18 -1.18
CA ARG A 22 -1.11 -9.10 -1.27
C ARG A 22 -0.85 -10.07 -2.40
N ARG A 23 -0.19 -9.56 -3.42
CA ARG A 23 0.18 -10.35 -4.59
C ARG A 23 1.07 -11.51 -4.20
N GLN A 24 1.85 -11.30 -3.15
CA GLN A 24 2.75 -12.30 -2.63
C GLN A 24 2.01 -13.22 -1.65
N GLN A 25 1.02 -12.65 -0.96
CA GLN A 25 0.23 -13.39 0.03
C GLN A 25 -0.67 -14.41 -0.65
N GLY A 26 -1.25 -14.03 -1.79
CA GLY A 26 -2.15 -14.91 -2.51
C GLY A 26 -1.48 -16.20 -2.94
N GLN A 27 -0.18 -16.14 -3.17
CA GLN A 27 0.60 -17.31 -3.56
C GLN A 27 1.72 -17.57 -2.55
N ALA A 28 1.43 -17.33 -1.27
CA ALA A 28 2.42 -17.50 -0.23
C ALA A 28 2.45 -18.91 0.30
N LYS A 29 1.29 -19.49 0.55
CA LYS A 29 1.20 -20.81 1.16
C LYS A 29 0.08 -21.63 0.53
N HIS A 30 -0.04 -21.51 -0.79
CA HIS A 30 -1.09 -22.18 -1.56
C HIS A 30 -2.47 -21.83 -1.02
C ACE A 1 -0.45 21.78 5.71
O ACE A 1 0.35 21.94 6.62
CH3 ACE A 1 -0.16 22.33 4.33
H1 ACE A 1 -0.79 21.83 3.61
H2 ACE A 1 0.87 22.16 4.08
H3 ACE A 1 -0.37 23.39 4.31
N THR A 2 -1.60 21.14 5.85
CA THR A 2 -2.01 20.57 7.12
C THR A 2 -1.36 19.20 7.33
N ALA A 3 -1.59 18.57 8.46
CA ALA A 3 -1.00 17.27 8.76
C ALA A 3 -1.49 16.21 7.78
N GLN A 4 -2.78 16.22 7.52
CA GLN A 4 -3.38 15.18 6.70
C GLN A 4 -3.24 15.46 5.20
N VAL A 5 -2.43 16.43 4.84
CA VAL A 5 -2.23 16.73 3.43
C VAL A 5 -1.14 15.82 2.86
N PHE A 6 -0.09 15.63 3.64
CA PHE A 6 1.03 14.82 3.20
C PHE A 6 0.81 13.38 3.58
N ALA A 7 -0.04 13.15 4.58
CA ALA A 7 -0.45 11.80 4.91
C ALA A 7 -1.23 11.20 3.77
N GLU A 8 -2.00 12.03 3.10
CA GLU A 8 -2.75 11.62 1.93
C GLU A 8 -1.83 11.30 0.76
N GLU A 9 -0.61 11.80 0.83
CA GLU A 9 0.40 11.47 -0.16
C GLU A 9 1.06 10.16 0.26
N ARG A 10 1.24 10.06 1.57
CA ARG A 10 1.87 8.93 2.20
C ARG A 10 1.04 7.66 2.03
N VAL A 11 -0.23 7.75 2.43
CA VAL A 11 -1.12 6.60 2.44
C VAL A 11 -1.16 5.89 1.09
N ARG A 12 -1.30 6.65 0.00
CA ARG A 12 -1.33 6.08 -1.35
C ARG A 12 -0.03 5.35 -1.68
N GLU A 13 1.06 5.83 -1.10
CA GLU A 13 2.37 5.23 -1.27
C GLU A 13 2.42 3.93 -0.49
N LEU A 14 1.96 4.01 0.75
CA LEU A 14 1.82 2.86 1.62
C LEU A 14 0.88 1.84 0.98
N GLU A 15 -0.20 2.34 0.38
CA GLU A 15 -1.16 1.50 -0.32
C GLU A 15 -0.49 0.67 -1.39
N ALA A 16 0.51 1.24 -2.04
CA ALA A 16 1.27 0.54 -3.05
C ALA A 16 2.12 -0.55 -2.40
N GLU A 17 2.66 -0.24 -1.23
CA GLU A 17 3.50 -1.15 -0.49
C GLU A 17 2.73 -2.39 -0.03
N VAL A 18 1.53 -2.16 0.46
CA VAL A 18 0.70 -3.24 0.98
C VAL A 18 0.00 -4.00 -0.15
N ALA A 19 -0.53 -3.28 -1.13
CA ALA A 19 -1.23 -3.91 -2.24
C ALA A 19 -0.31 -4.82 -3.06
N GLU A 20 0.99 -4.55 -3.05
CA GLU A 20 1.94 -5.38 -3.79
C GLU A 20 2.29 -6.58 -2.95
N LEU A 21 2.00 -6.46 -1.67
CA LEU A 21 2.31 -7.49 -0.71
C LEU A 21 1.23 -8.56 -0.76
N ARG A 22 0.01 -8.17 -1.10
CA ARG A 22 -1.09 -9.13 -1.24
C ARG A 22 -0.75 -10.10 -2.35
N ARG A 23 -0.02 -9.58 -3.32
CA ARG A 23 0.44 -10.34 -4.47
C ARG A 23 1.39 -11.45 -4.05
N GLN A 24 2.11 -11.20 -2.97
CA GLN A 24 3.04 -12.17 -2.43
C GLN A 24 2.33 -13.13 -1.50
N GLN A 25 1.25 -12.65 -0.90
CA GLN A 25 0.41 -13.46 -0.04
C GLN A 25 -0.38 -14.47 -0.86
N GLY A 26 -0.96 -14.00 -1.95
CA GLY A 26 -1.73 -14.87 -2.81
C GLY A 26 -1.36 -14.68 -4.26
N GLN A 27 -0.98 -15.78 -4.91
CA GLN A 27 -0.52 -15.72 -6.29
C GLN A 27 -1.66 -15.92 -7.29
N ALA A 28 -2.87 -15.59 -6.86
CA ALA A 28 -4.03 -15.63 -7.73
C ALA A 28 -4.72 -14.28 -7.72
N LYS A 29 -5.42 -14.01 -6.63
CA LYS A 29 -6.07 -12.72 -6.43
C LYS A 29 -6.51 -12.60 -4.98
N HIS A 30 -5.61 -12.11 -4.15
CA HIS A 30 -5.85 -12.01 -2.71
C HIS A 30 -6.43 -10.64 -2.38
C ACE A 1 0.57 21.57 6.74
O ACE A 1 1.23 21.74 7.77
CH3 ACE A 1 1.03 22.14 5.43
H1 ACE A 1 0.44 23.01 5.19
H2 ACE A 1 0.90 21.39 4.65
H3 ACE A 1 2.07 22.41 5.50
N THR A 2 -0.55 20.87 6.72
CA THR A 2 -1.09 20.25 7.93
C THR A 2 -0.77 18.76 7.95
N ALA A 3 -0.87 18.15 9.11
CA ALA A 3 -0.51 16.74 9.27
C ALA A 3 -1.18 15.85 8.23
N GLN A 4 -2.49 15.99 8.09
CA GLN A 4 -3.24 15.10 7.22
C GLN A 4 -3.14 15.48 5.74
N VAL A 5 -2.31 16.46 5.41
CA VAL A 5 -2.19 16.88 4.01
C VAL A 5 -1.20 16.00 3.27
N PHE A 6 -0.11 15.65 3.94
CA PHE A 6 0.93 14.83 3.34
C PHE A 6 0.67 13.36 3.62
N ALA A 7 -0.18 13.09 4.59
CA ALA A 7 -0.55 11.71 4.90
C ALA A 7 -1.35 11.10 3.78
N GLU A 8 -2.15 11.93 3.14
CA GLU A 8 -2.94 11.49 2.00
C GLU A 8 -2.07 11.40 0.76
N GLU A 9 -0.86 11.95 0.85
CA GLU A 9 0.14 11.76 -0.17
C GLU A 9 0.93 10.49 0.15
N ARG A 10 1.12 10.29 1.45
CA ARG A 10 1.81 9.11 1.99
C ARG A 10 1.02 7.85 1.68
N VAL A 11 -0.25 7.87 2.08
CA VAL A 11 -1.13 6.72 1.98
C VAL A 11 -1.06 6.04 0.62
N ARG A 12 -1.09 6.83 -0.45
CA ARG A 12 -1.08 6.32 -1.81
C ARG A 12 0.15 5.45 -2.10
N GLU A 13 1.27 5.80 -1.49
CA GLU A 13 2.50 5.05 -1.68
C GLU A 13 2.48 3.82 -0.78
N LEU A 14 1.97 4.02 0.42
CA LEU A 14 1.78 2.95 1.39
C LEU A 14 0.84 1.90 0.81
N GLU A 15 -0.19 2.36 0.13
CA GLU A 15 -1.15 1.48 -0.53
C GLU A 15 -0.46 0.55 -1.50
N ALA A 16 0.48 1.12 -2.24
CA ALA A 16 1.29 0.32 -3.16
C ALA A 16 2.13 -0.69 -2.39
N GLU A 17 2.64 -0.27 -1.24
CA GLU A 17 3.45 -1.13 -0.38
C GLU A 17 2.66 -2.34 0.10
N VAL A 18 1.41 -2.11 0.46
CA VAL A 18 0.55 -3.18 0.95
C VAL A 18 -0.04 -3.97 -0.21
N ALA A 19 -0.47 -3.29 -1.26
CA ALA A 19 -1.06 -3.96 -2.41
C ALA A 19 -0.08 -4.90 -3.10
N GLU A 20 1.22 -4.62 -2.98
CA GLU A 20 2.23 -5.48 -3.60
C GLU A 20 2.47 -6.67 -2.71
N LEU A 21 2.04 -6.52 -1.48
CA LEU A 21 2.23 -7.53 -0.46
C LEU A 21 1.14 -8.59 -0.59
N ARG A 22 -0.05 -8.19 -1.04
CA ARG A 22 -1.13 -9.13 -1.25
C ARG A 22 -0.71 -10.11 -2.33
N ARG A 23 0.06 -9.60 -3.28
CA ARG A 23 0.61 -10.39 -4.37
C ARG A 23 1.49 -11.50 -3.82
N GLN A 24 2.13 -11.24 -2.70
CA GLN A 24 3.02 -12.21 -2.05
C GLN A 24 2.19 -13.16 -1.20
N GLN A 25 1.07 -12.68 -0.70
CA GLN A 25 0.13 -13.49 0.05
C GLN A 25 -0.54 -14.51 -0.88
N GLY A 26 -0.99 -14.03 -2.03
CA GLY A 26 -1.59 -14.90 -3.01
C GLY A 26 -0.56 -15.64 -3.83
N GLN A 27 -0.08 -16.76 -3.29
CA GLN A 27 0.96 -17.54 -3.94
C GLN A 27 0.38 -18.55 -4.91
N ALA A 28 -0.57 -18.11 -5.74
CA ALA A 28 -1.18 -18.97 -6.74
C ALA A 28 -0.17 -19.31 -7.82
N LYS A 29 0.29 -20.55 -7.81
CA LYS A 29 1.35 -20.99 -8.69
C LYS A 29 0.79 -21.48 -10.03
N HIS A 30 1.06 -20.73 -11.08
CA HIS A 30 0.65 -21.11 -12.41
C HIS A 30 1.65 -20.58 -13.43
C ACE A 1 -1.10 22.22 5.45
O ACE A 1 -1.65 23.10 6.11
CH3 ACE A 1 -0.48 22.53 4.11
H1 ACE A 1 -0.02 23.51 4.14
H2 ACE A 1 -1.25 22.51 3.35
H3 ACE A 1 0.27 21.79 3.88
N THR A 2 -1.01 20.96 5.85
CA THR A 2 -1.54 20.51 7.13
C THR A 2 -1.21 19.02 7.31
N ALA A 3 -1.40 18.50 8.50
CA ALA A 3 -1.00 17.13 8.81
C ALA A 3 -1.61 16.11 7.86
N GLN A 4 -2.90 16.25 7.57
CA GLN A 4 -3.61 15.27 6.76
C GLN A 4 -3.45 15.51 5.26
N VAL A 5 -2.60 16.43 4.89
CA VAL A 5 -2.42 16.72 3.47
C VAL A 5 -1.36 15.80 2.88
N PHE A 6 -0.27 15.62 3.61
CA PHE A 6 0.83 14.80 3.13
C PHE A 6 0.63 13.36 3.58
N ALA A 7 -0.25 13.15 4.54
CA ALA A 7 -0.62 11.80 4.94
C ALA A 7 -1.36 11.14 3.80
N GLU A 8 -2.12 11.95 3.08
CA GLU A 8 -2.86 11.48 1.92
C GLU A 8 -1.92 11.20 0.76
N GLU A 9 -0.73 11.77 0.84
CA GLU A 9 0.32 11.47 -0.12
C GLU A 9 1.03 10.20 0.35
N ARG A 10 1.28 10.17 1.64
CA ARG A 10 1.90 9.03 2.32
C ARG A 10 1.10 7.76 2.08
N VAL A 11 -0.17 7.81 2.47
CA VAL A 11 -1.04 6.64 2.46
C VAL A 11 -1.01 5.90 1.12
N ARG A 12 -1.20 6.62 0.03
CA ARG A 12 -1.25 6.03 -1.31
C ARG A 12 0.06 5.35 -1.67
N GLU A 13 1.16 5.84 -1.12
CA GLU A 13 2.47 5.25 -1.38
C GLU A 13 2.59 3.98 -0.57
N LEU A 14 2.23 4.09 0.71
CA LEU A 14 2.12 2.96 1.61
C LEU A 14 1.21 1.90 0.99
N GLU A 15 0.07 2.35 0.46
CA GLU A 15 -0.91 1.48 -0.16
C GLU A 15 -0.29 0.67 -1.29
N ALA A 16 0.65 1.27 -2.01
CA ALA A 16 1.33 0.58 -3.10
C ALA A 16 2.26 -0.49 -2.55
N GLU A 17 2.87 -0.19 -1.41
CA GLU A 17 3.80 -1.11 -0.75
C GLU A 17 3.08 -2.34 -0.23
N VAL A 18 1.87 -2.14 0.29
CA VAL A 18 1.10 -3.23 0.87
C VAL A 18 0.29 -3.96 -0.20
N ALA A 19 -0.28 -3.23 -1.15
CA ALA A 19 -1.08 -3.84 -2.20
C ALA A 19 -0.27 -4.81 -3.06
N GLU A 20 1.04 -4.60 -3.14
CA GLU A 20 1.90 -5.51 -3.91
C GLU A 20 2.23 -6.71 -3.05
N LEU A 21 2.08 -6.51 -1.76
CA LEU A 21 2.39 -7.52 -0.78
C LEU A 21 1.26 -8.56 -0.75
N ARG A 22 0.04 -8.11 -1.08
CA ARG A 22 -1.09 -9.03 -1.13
C ARG A 22 -0.86 -10.06 -2.22
N ARG A 23 -0.17 -9.61 -3.26
CA ARG A 23 0.19 -10.47 -4.39
C ARG A 23 1.07 -11.61 -3.93
N GLN A 24 1.91 -11.33 -2.95
CA GLN A 24 2.83 -12.32 -2.40
C GLN A 24 2.09 -13.21 -1.42
N GLN A 25 0.98 -12.71 -0.92
CA GLN A 25 0.12 -13.46 -0.01
C GLN A 25 -0.76 -14.42 -0.78
N GLY A 26 -1.37 -13.92 -1.84
CA GLY A 26 -2.25 -14.74 -2.66
C GLY A 26 -1.49 -15.70 -3.53
N GLN A 27 -1.43 -16.95 -3.12
CA GLN A 27 -0.70 -17.96 -3.86
C GLN A 27 -1.64 -18.90 -4.61
N ALA A 28 -2.80 -18.37 -4.99
CA ALA A 28 -3.72 -19.12 -5.85
C ALA A 28 -3.17 -19.15 -7.26
N LYS A 29 -2.42 -18.10 -7.60
CA LYS A 29 -1.70 -18.02 -8.86
C LYS A 29 -0.40 -17.27 -8.64
N HIS A 30 0.70 -18.02 -8.57
CA HIS A 30 2.00 -17.42 -8.36
C HIS A 30 2.54 -16.84 -9.65
C ACE A 1 -0.28 22.28 5.60
O ACE A 1 -1.04 23.15 6.03
CH3 ACE A 1 0.63 22.56 4.45
H1 ACE A 1 1.37 21.76 4.37
H2 ACE A 1 1.14 23.50 4.60
H3 ACE A 1 0.06 22.60 3.53
N THR A 2 -0.23 21.06 6.10
CA THR A 2 -1.03 20.60 7.22
C THR A 2 -0.82 19.10 7.41
N ALA A 3 -1.15 18.57 8.57
CA ALA A 3 -0.89 17.16 8.86
C ALA A 3 -1.48 16.25 7.79
N GLN A 4 -2.72 16.48 7.44
CA GLN A 4 -3.42 15.61 6.51
C GLN A 4 -3.19 16.01 5.05
N VAL A 5 -2.14 16.77 4.77
CA VAL A 5 -1.79 17.06 3.40
C VAL A 5 -0.81 16.02 2.87
N PHE A 6 0.16 15.67 3.71
CA PHE A 6 1.21 14.75 3.32
C PHE A 6 0.84 13.31 3.67
N ALA A 7 -0.09 13.15 4.60
CA ALA A 7 -0.54 11.82 4.97
C ALA A 7 -1.28 11.16 3.82
N GLU A 8 -2.07 11.96 3.12
CA GLU A 8 -2.81 11.46 1.97
C GLU A 8 -1.87 11.25 0.79
N GLU A 9 -0.67 11.77 0.91
CA GLU A 9 0.40 11.50 -0.04
C GLU A 9 1.07 10.21 0.37
N ARG A 10 1.24 10.09 1.68
CA ARG A 10 1.86 8.94 2.31
C ARG A 10 1.02 7.68 2.08
N VAL A 11 -0.24 7.77 2.48
CA VAL A 11 -1.16 6.63 2.46
C VAL A 11 -1.15 5.91 1.10
N ARG A 12 -1.24 6.69 0.02
CA ARG A 12 -1.29 6.14 -1.33
C ARG A 12 -0.03 5.34 -1.66
N GLU A 13 1.09 5.74 -1.08
CA GLU A 13 2.35 5.05 -1.28
C GLU A 13 2.33 3.75 -0.49
N LEU A 14 1.89 3.89 0.76
CA LEU A 14 1.68 2.76 1.64
C LEU A 14 0.71 1.78 0.98
N GLU A 15 -0.35 2.32 0.39
CA GLU A 15 -1.36 1.53 -0.30
C GLU A 15 -0.75 0.66 -1.39
N ALA A 16 0.30 1.16 -2.01
CA ALA A 16 1.02 0.41 -3.02
C ALA A 16 1.87 -0.67 -2.35
N GLU A 17 2.50 -0.29 -1.25
CA GLU A 17 3.37 -1.20 -0.47
C GLU A 17 2.61 -2.43 -0.01
N VAL A 18 1.39 -2.22 0.45
CA VAL A 18 0.55 -3.31 0.94
C VAL A 18 -0.06 -4.08 -0.21
N ALA A 19 -0.57 -3.39 -1.22
CA ALA A 19 -1.24 -4.03 -2.33
C ALA A 19 -0.29 -4.92 -3.14
N GLU A 20 1.00 -4.60 -3.12
CA GLU A 20 1.98 -5.40 -3.86
C GLU A 20 2.36 -6.59 -3.01
N LEU A 21 2.12 -6.44 -1.73
CA LEU A 21 2.42 -7.45 -0.76
C LEU A 21 1.35 -8.54 -0.80
N ARG A 22 0.12 -8.16 -1.14
CA ARG A 22 -0.97 -9.13 -1.27
C ARG A 22 -0.63 -10.11 -2.37
N ARG A 23 0.05 -9.58 -3.38
CA ARG A 23 0.49 -10.38 -4.52
C ARG A 23 1.38 -11.52 -4.04
N GLN A 24 2.19 -11.22 -3.05
CA GLN A 24 3.12 -12.20 -2.48
C GLN A 24 2.38 -13.13 -1.53
N GLN A 25 1.36 -12.60 -0.87
CA GLN A 25 0.52 -13.38 0.03
C GLN A 25 -0.32 -14.38 -0.75
N GLY A 26 -0.60 -14.05 -2.00
CA GLY A 26 -1.39 -14.92 -2.84
C GLY A 26 -0.53 -15.92 -3.58
N GLN A 27 -0.83 -16.12 -4.84
CA GLN A 27 -0.10 -17.09 -5.66
C GLN A 27 0.84 -16.37 -6.62
N ALA A 28 1.96 -15.91 -6.09
CA ALA A 28 2.98 -15.26 -6.91
C ALA A 28 3.84 -16.32 -7.58
N LYS A 29 3.61 -16.54 -8.86
CA LYS A 29 4.33 -17.58 -9.58
C LYS A 29 5.64 -17.02 -10.13
N HIS A 30 6.73 -17.57 -9.65
CA HIS A 30 8.05 -17.16 -10.09
C HIS A 30 8.86 -18.39 -10.50
C ACE A 1 0.38 22.41 5.17
O ACE A 1 -0.03 23.36 5.84
CH3 ACE A 1 1.10 22.63 3.87
H1 ACE A 1 0.38 22.93 3.12
H2 ACE A 1 1.58 21.71 3.56
H3 ACE A 1 1.84 23.40 3.99
N THR A 2 0.25 21.14 5.54
CA THR A 2 -0.40 20.76 6.79
C THR A 2 -0.24 19.26 6.99
N ALA A 3 -0.54 18.77 8.18
CA ALA A 3 -0.34 17.36 8.50
C ALA A 3 -1.01 16.44 7.49
N GLN A 4 -2.29 16.69 7.22
CA GLN A 4 -3.06 15.81 6.36
C GLN A 4 -2.93 16.17 4.88
N VAL A 5 -1.88 16.89 4.52
CA VAL A 5 -1.60 17.14 3.11
C VAL A 5 -0.68 16.05 2.57
N PHE A 6 0.31 15.68 3.38
CA PHE A 6 1.27 14.69 2.97
C PHE A 6 0.86 13.31 3.44
N ALA A 7 -0.05 13.24 4.41
CA ALA A 7 -0.54 11.95 4.88
C ALA A 7 -1.35 11.27 3.82
N GLU A 8 -2.14 12.05 3.10
CA GLU A 8 -2.93 11.53 2.00
C GLU A 8 -2.02 11.14 0.84
N GLU A 9 -0.80 11.65 0.89
CA GLU A 9 0.23 11.28 -0.07
C GLU A 9 0.93 10.03 0.43
N ARG A 10 1.10 9.99 1.75
CA ARG A 10 1.70 8.87 2.45
C ARG A 10 0.83 7.62 2.30
N VAL A 11 -0.44 7.75 2.70
CA VAL A 11 -1.36 6.63 2.73
C VAL A 11 -1.38 5.88 1.39
N ARG A 12 -1.50 6.62 0.29
CA ARG A 12 -1.52 6.04 -1.04
C ARG A 12 -0.23 5.29 -1.37
N GLU A 13 0.88 5.78 -0.82
CA GLU A 13 2.16 5.13 -1.02
C GLU A 13 2.19 3.84 -0.21
N LEU A 14 1.71 3.95 1.02
CA LEU A 14 1.51 2.79 1.88
C LEU A 14 0.58 1.79 1.19
N GLU A 15 -0.46 2.31 0.56
CA GLU A 15 -1.42 1.49 -0.19
C GLU A 15 -0.71 0.66 -1.25
N ALA A 16 0.33 1.22 -1.84
CA ALA A 16 1.13 0.52 -2.84
C ALA A 16 2.01 -0.54 -2.18
N GLU A 17 2.53 -0.20 -1.01
CA GLU A 17 3.39 -1.11 -0.24
C GLU A 17 2.64 -2.39 0.11
N VAL A 18 1.38 -2.24 0.48
CA VAL A 18 0.56 -3.36 0.90
C VAL A 18 -0.02 -4.10 -0.31
N ALA A 19 -0.50 -3.35 -1.30
CA ALA A 19 -1.12 -3.95 -2.48
C ALA A 19 -0.15 -4.84 -3.26
N GLU A 20 1.15 -4.59 -3.12
CA GLU A 20 2.15 -5.40 -3.82
C GLU A 20 2.46 -6.62 -2.98
N LEU A 21 2.09 -6.53 -1.73
CA LEU A 21 2.35 -7.57 -0.77
C LEU A 21 1.30 -8.67 -0.92
N ARG A 22 0.09 -8.27 -1.29
CA ARG A 22 -1.00 -9.23 -1.53
C ARG A 22 -0.59 -10.18 -2.63
N ARG A 23 0.13 -9.62 -3.61
CA ARG A 23 0.64 -10.38 -4.74
C ARG A 23 1.55 -11.51 -4.27
N GLN A 24 2.24 -11.25 -3.17
CA GLN A 24 3.15 -12.22 -2.59
C GLN A 24 2.38 -13.19 -1.70
N GLN A 25 1.42 -12.65 -0.96
CA GLN A 25 0.57 -13.44 -0.06
C GLN A 25 -0.18 -14.52 -0.83
N GLY A 26 -0.68 -14.15 -2.01
CA GLY A 26 -1.43 -15.09 -2.83
C GLY A 26 -0.58 -16.26 -3.28
N GLN A 27 0.73 -16.04 -3.39
CA GLN A 27 1.65 -17.09 -3.81
C GLN A 27 2.36 -17.69 -2.61
N ALA A 28 1.96 -17.25 -1.43
CA ALA A 28 2.58 -17.71 -0.19
C ALA A 28 1.63 -18.66 0.53
N LYS A 29 0.41 -18.20 0.75
CA LYS A 29 -0.58 -18.99 1.46
C LYS A 29 -1.60 -19.55 0.47
N HIS A 30 -1.96 -20.81 0.66
CA HIS A 30 -2.93 -21.46 -0.21
C HIS A 30 -3.86 -22.34 0.61
C ACE A 1 -1.28 22.41 5.43
O ACE A 1 -1.95 23.21 6.08
CH3 ACE A 1 -0.54 22.84 4.19
H1 ACE A 1 0.03 23.72 4.40
H2 ACE A 1 -1.24 23.03 3.40
H3 ACE A 1 0.13 22.05 3.89
N THR A 2 -1.17 21.13 5.77
CA THR A 2 -1.82 20.56 6.93
C THR A 2 -1.38 19.11 7.09
N ALA A 3 -1.60 18.54 8.26
CA ALA A 3 -1.14 17.18 8.54
C ALA A 3 -1.63 16.20 7.48
N GLN A 4 -2.92 16.26 7.19
CA GLN A 4 -3.54 15.30 6.28
C GLN A 4 -3.37 15.69 4.82
N VAL A 5 -2.48 16.62 4.53
CA VAL A 5 -2.21 16.95 3.13
C VAL A 5 -1.11 16.05 2.59
N PHE A 6 -0.07 15.86 3.40
CA PHE A 6 1.04 15.03 3.00
C PHE A 6 0.84 13.60 3.44
N ALA A 7 0.01 13.41 4.46
CA ALA A 7 -0.34 12.06 4.89
C ALA A 7 -1.16 11.37 3.82
N GLU A 8 -2.00 12.14 3.14
CA GLU A 8 -2.80 11.61 2.06
C GLU A 8 -1.94 11.34 0.83
N GLU A 9 -0.74 11.89 0.83
CA GLU A 9 0.24 11.56 -0.20
C GLU A 9 1.03 10.35 0.24
N ARG A 10 1.07 10.18 1.55
CA ARG A 10 1.85 9.14 2.20
C ARG A 10 1.09 7.82 2.18
N VAL A 11 -0.15 7.86 2.63
CA VAL A 11 -0.99 6.68 2.71
C VAL A 11 -1.03 5.93 1.38
N ARG A 12 -1.17 6.67 0.27
CA ARG A 12 -1.20 6.08 -1.06
C ARG A 12 0.10 5.32 -1.38
N GLU A 13 1.19 5.73 -0.74
CA GLU A 13 2.47 5.09 -0.97
C GLU A 13 2.50 3.78 -0.19
N LEU A 14 2.10 3.89 1.06
CA LEU A 14 1.88 2.75 1.93
C LEU A 14 0.92 1.77 1.27
N GLU A 15 -0.17 2.30 0.71
CA GLU A 15 -1.17 1.49 0.02
C GLU A 15 -0.56 0.67 -1.09
N ALA A 16 0.47 1.22 -1.72
CA ALA A 16 1.16 0.50 -2.78
C ALA A 16 2.06 -0.59 -2.20
N GLU A 17 2.66 -0.29 -1.04
CA GLU A 17 3.55 -1.22 -0.37
C GLU A 17 2.82 -2.50 0.04
N VAL A 18 1.59 -2.32 0.51
CA VAL A 18 0.78 -3.43 1.01
C VAL A 18 0.07 -4.14 -0.14
N ALA A 19 -0.50 -3.40 -1.07
CA ALA A 19 -1.26 -3.99 -2.17
C ALA A 19 -0.38 -4.86 -3.07
N GLU A 20 0.91 -4.60 -3.09
CA GLU A 20 1.83 -5.39 -3.91
C GLU A 20 2.21 -6.64 -3.14
N LEU A 21 2.03 -6.55 -1.85
CA LEU A 21 2.38 -7.61 -0.95
C LEU A 21 1.31 -8.70 -0.98
N ARG A 22 0.06 -8.29 -1.21
CA ARG A 22 -1.05 -9.24 -1.31
C ARG A 22 -0.77 -10.21 -2.45
N ARG A 23 -0.18 -9.65 -3.50
CA ARG A 23 0.17 -10.39 -4.69
C ARG A 23 1.17 -11.49 -4.38
N GLN A 24 1.95 -11.27 -3.33
CA GLN A 24 2.94 -12.23 -2.89
C GLN A 24 2.35 -13.19 -1.87
N GLN A 25 1.36 -12.71 -1.13
CA GLN A 25 0.64 -13.52 -0.16
C GLN A 25 -0.17 -14.59 -0.85
N GLY A 26 -0.97 -14.18 -1.83
CA GLY A 26 -1.80 -15.11 -2.56
C GLY A 26 -2.85 -14.41 -3.38
N GLN A 27 -3.06 -14.91 -4.59
CA GLN A 27 -4.05 -14.34 -5.50
C GLN A 27 -4.91 -15.44 -6.10
N ALA A 28 -5.04 -16.54 -5.35
CA ALA A 28 -5.77 -17.73 -5.79
C ALA A 28 -5.06 -18.42 -6.94
N LYS A 29 -5.13 -17.84 -8.13
CA LYS A 29 -4.46 -18.37 -9.30
C LYS A 29 -3.88 -17.24 -10.13
N HIS A 30 -2.71 -17.47 -10.70
CA HIS A 30 -2.04 -16.45 -11.49
C HIS A 30 -2.26 -16.71 -12.97
C ACE A 1 -1.05 22.49 3.63
O ACE A 1 -1.73 23.42 4.08
CH3 ACE A 1 -0.29 22.64 2.33
H1 ACE A 1 0.23 21.73 2.11
H2 ACE A 1 0.42 23.45 2.42
H3 ACE A 1 -0.99 22.86 1.53
N THR A 2 -0.92 21.32 4.24
CA THR A 2 -1.55 21.02 5.50
C THR A 2 -1.12 19.63 5.96
N ALA A 3 -1.31 19.30 7.22
CA ALA A 3 -0.80 18.05 7.77
C ALA A 3 -1.32 16.85 6.99
N GLN A 4 -2.62 16.82 6.73
CA GLN A 4 -3.24 15.65 6.14
C GLN A 4 -3.12 15.61 4.63
N VAL A 5 -2.42 16.57 4.05
CA VAL A 5 -2.27 16.60 2.60
C VAL A 5 -1.17 15.62 2.18
N PHE A 6 -0.09 15.58 2.95
CA PHE A 6 1.02 14.73 2.62
C PHE A 6 0.86 13.37 3.29
N ALA A 7 -0.01 13.31 4.29
CA ALA A 7 -0.41 12.03 4.86
C ALA A 7 -1.24 11.28 3.86
N GLU A 8 -2.06 12.02 3.12
CA GLU A 8 -2.86 11.44 2.06
C GLU A 8 -1.99 11.01 0.89
N GLU A 9 -0.77 11.51 0.85
CA GLU A 9 0.21 11.05 -0.10
C GLU A 9 0.90 9.82 0.47
N ARG A 10 1.22 9.93 1.76
CA ARG A 10 1.87 8.89 2.53
C ARG A 10 1.03 7.61 2.50
N VAL A 11 -0.24 7.73 2.86
CA VAL A 11 -1.14 6.60 2.96
C VAL A 11 -1.16 5.80 1.66
N ARG A 12 -1.30 6.49 0.53
CA ARG A 12 -1.35 5.85 -0.78
C ARG A 12 -0.03 5.16 -1.10
N GLU A 13 1.05 5.73 -0.59
CA GLU A 13 2.38 5.16 -0.80
C GLU A 13 2.47 3.86 -0.01
N LEU A 14 2.02 3.96 1.23
CA LEU A 14 1.86 2.82 2.11
C LEU A 14 0.95 1.79 1.46
N GLU A 15 -0.17 2.25 0.92
CA GLU A 15 -1.13 1.39 0.24
C GLU A 15 -0.50 0.63 -0.91
N ALA A 16 0.38 1.30 -1.62
CA ALA A 16 1.10 0.69 -2.72
C ALA A 16 2.05 -0.39 -2.20
N GLU A 17 2.66 -0.10 -1.06
CA GLU A 17 3.56 -1.04 -0.40
C GLU A 17 2.86 -2.32 0.00
N VAL A 18 1.66 -2.18 0.53
CA VAL A 18 0.91 -3.32 1.05
C VAL A 18 0.13 -4.03 -0.08
N ALA A 19 -0.47 -3.27 -0.97
CA ALA A 19 -1.27 -3.83 -2.05
C ALA A 19 -0.44 -4.71 -2.98
N GLU A 20 0.87 -4.46 -3.05
CA GLU A 20 1.74 -5.26 -3.91
C GLU A 20 2.17 -6.50 -3.15
N LEU A 21 2.03 -6.42 -1.85
CA LEU A 21 2.41 -7.48 -0.97
C LEU A 21 1.32 -8.56 -0.98
N ARG A 22 0.08 -8.15 -1.24
CA ARG A 22 -1.03 -9.09 -1.33
C ARG A 22 -0.75 -10.06 -2.47
N ARG A 23 -0.12 -9.53 -3.51
CA ARG A 23 0.26 -10.31 -4.67
C ARG A 23 1.19 -11.45 -4.27
N GLN A 24 2.09 -11.15 -3.34
CA GLN A 24 3.06 -12.12 -2.85
C GLN A 24 2.41 -13.07 -1.85
N GLN A 25 1.21 -12.72 -1.42
CA GLN A 25 0.43 -13.53 -0.50
C GLN A 25 -0.45 -14.51 -1.26
N GLY A 26 -0.55 -14.33 -2.57
CA GLY A 26 -1.48 -15.12 -3.34
C GLY A 26 -0.82 -15.88 -4.48
N GLN A 27 -0.17 -15.16 -5.37
CA GLN A 27 0.36 -15.76 -6.59
C GLN A 27 1.89 -15.83 -6.57
N ALA A 28 2.46 -16.03 -5.39
CA ALA A 28 3.89 -16.15 -5.26
C ALA A 28 4.33 -17.55 -5.69
N LYS A 29 3.86 -18.56 -4.96
CA LYS A 29 4.11 -19.97 -5.26
C LYS A 29 5.60 -20.24 -5.44
N HIS A 30 6.34 -20.15 -4.35
CA HIS A 30 7.77 -20.44 -4.36
C HIS A 30 8.28 -20.50 -2.92
#